data_7DLC
#
_entry.id   7DLC
#
_cell.length_a   120.102
_cell.length_b   120.102
_cell.length_c   40.087
_cell.angle_alpha   90.000
_cell.angle_beta   90.000
_cell.angle_gamma   120.000
#
_symmetry.space_group_name_H-M   'P 61'
#
loop_
_entity.id
_entity.type
_entity.pdbx_description
1 polymer 'Guanosine deaminase'
2 non-polymer 'ZINC ION'
3 non-polymer 2-azanyl-9-[(2R,3R,4S,5R)-5-(hydroxymethyl)-3,4-bis(oxidanyl)oxolan-2-yl]-1-methyl-purin-6-one
4 water water
#
_entity_poly.entity_id   1
_entity_poly.type   'polypeptide(L)'
_entity_poly.pdbx_seq_one_letter_code
;GPHMSDHKFLTQAVEEAYKGVDCGDGGPFGAVIVHNNEVVASCHNMVLKYTDPTAHAEVTAIREACKKLNKIELSECEIY
ASCEPCPMCFGAIHLSRLKRLVYGAKAEAAIAIGFDDFIADALRGTGVYQKSSLEIKKADGNGAAIAEQVFQNTKEKFRL
Y
;
_entity_poly.pdbx_strand_id   A,D
#
loop_
_chem_comp.id
_chem_comp.type
_chem_comp.name
_chem_comp.formula
H93 non-polymer 2-azanyl-9-[(2R,3R,4S,5R)-5-(hydroxymethyl)-3,4-bis(oxidanyl)oxolan-2-yl]-1-methyl-purin-6-one 'C11 H15 N5 O5'
ZN non-polymer 'ZINC ION' 'Zn 2'
#
# COMPACT_ATOMS: atom_id res chain seq x y z
N SER A 5 2.13 -27.43 -7.23
CA SER A 5 3.05 -26.30 -7.05
C SER A 5 2.31 -25.06 -6.58
N ASP A 6 1.20 -24.74 -7.25
CA ASP A 6 0.28 -23.74 -6.69
C ASP A 6 -0.09 -24.11 -5.26
N HIS A 7 -0.42 -25.39 -5.03
CA HIS A 7 -0.83 -25.82 -3.70
C HIS A 7 0.33 -25.74 -2.71
N LYS A 8 1.53 -26.11 -3.14
CA LYS A 8 2.70 -26.07 -2.27
C LYS A 8 2.97 -24.64 -1.78
N PHE A 9 2.92 -23.68 -2.70
CA PHE A 9 3.25 -22.31 -2.33
C PHE A 9 2.10 -21.63 -1.56
N LEU A 10 0.84 -21.92 -1.92
CA LEU A 10 -0.26 -21.42 -1.11
C LEU A 10 -0.20 -21.98 0.31
N THR A 11 0.16 -23.24 0.45
CA THR A 11 0.25 -23.81 1.79
C THR A 11 1.40 -23.16 2.56
N GLN A 12 2.49 -22.82 1.87
CA GLN A 12 3.56 -22.13 2.58
C GLN A 12 3.13 -20.73 3.02
N ALA A 13 2.33 -20.03 2.23
CA ALA A 13 1.80 -18.75 2.70
C ALA A 13 0.91 -18.93 3.92
N VAL A 14 0.09 -19.99 3.92
CA VAL A 14 -0.75 -20.28 5.07
C VAL A 14 0.10 -20.56 6.31
N GLU A 15 1.16 -21.35 6.13
CA GLU A 15 2.08 -21.66 7.22
C GLU A 15 2.71 -20.40 7.78
N GLU A 16 3.10 -19.48 6.89
CA GLU A 16 3.62 -18.19 7.35
C GLU A 16 2.58 -17.48 8.22
N ALA A 17 1.30 -17.55 7.83
CA ALA A 17 0.27 -16.92 8.63
C ALA A 17 0.23 -17.48 10.04
N TYR A 18 0.28 -18.81 10.15
CA TYR A 18 0.31 -19.44 11.47
C TYR A 18 1.56 -19.01 12.25
N LYS A 19 2.73 -19.03 11.61
CA LYS A 19 3.98 -18.67 12.29
C LYS A 19 3.91 -17.27 12.85
N GLY A 20 3.48 -16.33 12.01
CA GLY A 20 3.44 -14.94 12.44
C GLY A 20 2.49 -14.73 13.60
N VAL A 21 1.35 -15.42 13.59
CA VAL A 21 0.46 -15.33 14.74
C VAL A 21 1.13 -15.90 15.98
N ASP A 22 1.82 -17.02 15.84
CA ASP A 22 2.46 -17.64 17.00
C ASP A 22 3.58 -16.78 17.57
N CYS A 23 4.32 -16.04 16.71
CA CYS A 23 5.37 -15.14 17.20
C CYS A 23 4.84 -13.82 17.75
N GLY A 24 3.56 -13.51 17.58
CA GLY A 24 3.08 -12.18 17.93
C GLY A 24 3.51 -11.10 16.97
N ASP A 25 3.92 -11.48 15.75
CA ASP A 25 4.39 -10.51 14.77
C ASP A 25 3.25 -9.67 14.21
N GLY A 26 2.08 -10.27 14.06
CA GLY A 26 0.95 -9.62 13.43
C GLY A 26 -0.20 -10.58 13.33
N GLY A 27 -1.01 -10.43 12.29
CA GLY A 27 -2.22 -11.20 12.14
C GLY A 27 -2.06 -12.39 11.22
N PRO A 28 -3.10 -13.19 11.12
CA PRO A 28 -3.01 -14.48 10.42
C PRO A 28 -2.93 -14.33 8.91
N PHE A 29 -1.84 -13.77 8.41
CA PHE A 29 -1.70 -13.55 6.98
C PHE A 29 -0.27 -13.86 6.54
N GLY A 30 -0.14 -14.62 5.46
CA GLY A 30 1.16 -14.90 4.91
C GLY A 30 1.19 -14.62 3.40
N ALA A 31 2.41 -14.50 2.89
CA ALA A 31 2.59 -14.28 1.46
C ALA A 31 3.94 -14.85 1.03
N VAL A 32 3.95 -15.42 -0.17
CA VAL A 32 5.12 -16.08 -0.72
C VAL A 32 5.29 -15.59 -2.15
N ILE A 33 6.49 -15.16 -2.51
CA ILE A 33 6.79 -14.74 -3.87
C ILE A 33 7.80 -15.73 -4.44
N VAL A 34 7.50 -16.27 -5.62
CA VAL A 34 8.34 -17.25 -6.28
C VAL A 34 8.71 -16.78 -7.67
N HIS A 35 9.95 -17.10 -8.09
CA HIS A 35 10.42 -16.94 -9.46
C HIS A 35 10.47 -18.33 -10.09
N ASN A 36 9.54 -18.58 -11.01
CA ASN A 36 9.33 -19.90 -11.62
C ASN A 36 8.91 -20.90 -10.55
N ASN A 37 9.84 -21.63 -9.96
CA ASN A 37 9.51 -22.55 -8.88
C ASN A 37 10.49 -22.40 -7.71
N GLU A 38 11.07 -21.21 -7.57
CA GLU A 38 12.10 -20.95 -6.58
C GLU A 38 11.62 -19.81 -5.67
N VAL A 39 11.51 -20.07 -4.37
CA VAL A 39 11.01 -19.07 -3.43
C VAL A 39 11.96 -17.88 -3.35
N VAL A 40 11.48 -16.71 -3.73
CA VAL A 40 12.22 -15.46 -3.57
C VAL A 40 11.99 -14.83 -2.21
N ALA A 41 10.74 -14.81 -1.74
CA ALA A 41 10.45 -14.26 -0.42
C ALA A 41 9.30 -15.02 0.22
N SER A 42 9.34 -15.10 1.56
CA SER A 42 8.30 -15.80 2.31
C SER A 42 8.11 -15.03 3.61
N CYS A 43 6.92 -14.47 3.82
CA CYS A 43 6.74 -13.47 4.85
C CYS A 43 5.34 -13.61 5.44
N HIS A 44 5.12 -12.95 6.57
CA HIS A 44 3.80 -12.85 7.17
C HIS A 44 3.60 -11.42 7.62
N ASN A 45 2.38 -11.13 8.06
CA ASN A 45 2.02 -9.80 8.52
C ASN A 45 2.93 -9.39 9.69
N MET A 46 3.52 -8.18 9.59
CA MET A 46 4.48 -7.70 10.59
C MET A 46 4.03 -6.38 11.21
N VAL A 47 2.72 -6.13 11.23
CA VAL A 47 2.23 -4.82 11.65
C VAL A 47 2.64 -4.53 13.09
N LEU A 48 2.53 -5.54 13.96
CA LEU A 48 2.82 -5.34 15.38
C LEU A 48 4.31 -5.39 15.68
N LYS A 49 5.06 -6.26 14.99
CA LYS A 49 6.51 -6.30 15.16
C LYS A 49 7.15 -4.98 14.76
N TYR A 50 6.72 -4.40 13.64
CA TYR A 50 7.38 -3.21 13.12
C TYR A 50 6.72 -1.91 13.53
N THR A 51 5.56 -1.95 14.20
CA THR A 51 4.77 -0.76 14.48
C THR A 51 4.53 0.03 13.18
N ASP A 52 3.91 -0.66 12.25
CA ASP A 52 3.84 -0.22 10.86
C ASP A 52 2.56 -0.79 10.27
N PRO A 53 1.49 0.01 10.16
CA PRO A 53 0.25 -0.50 9.62
C PRO A 53 0.35 -0.86 8.14
N THR A 54 1.41 -0.46 7.45
CA THR A 54 1.60 -0.87 6.07
C THR A 54 2.24 -2.25 5.95
N ALA A 55 2.76 -2.81 7.04
CA ALA A 55 3.54 -4.03 7.00
C ALA A 55 2.68 -5.28 6.84
N HIS A 56 1.68 -5.24 5.99
CA HIS A 56 0.93 -6.44 5.65
C HIS A 56 1.88 -7.47 5.05
N ALA A 57 1.39 -8.71 4.93
CA ALA A 57 2.22 -9.81 4.45
C ALA A 57 2.65 -9.58 3.00
N GLU A 58 1.72 -9.18 2.13
CA GLU A 58 2.07 -8.97 0.72
C GLU A 58 3.08 -7.85 0.56
N VAL A 59 2.85 -6.70 1.21
CA VAL A 59 3.80 -5.58 1.16
C VAL A 59 5.17 -6.03 1.67
N THR A 60 5.20 -6.75 2.79
CA THR A 60 6.46 -7.26 3.34
C THR A 60 7.19 -8.14 2.34
N ALA A 61 6.48 -9.13 1.77
CA ALA A 61 7.05 -9.99 0.75
C ALA A 61 7.60 -9.20 -0.43
N ILE A 62 6.85 -8.20 -0.89
CA ILE A 62 7.29 -7.40 -2.04
C ILE A 62 8.58 -6.66 -1.71
N ARG A 63 8.63 -6.01 -0.54
CA ARG A 63 9.84 -5.29 -0.13
C ARG A 63 11.05 -6.23 -0.06
N GLU A 64 10.87 -7.38 0.59
CA GLU A 64 11.98 -8.33 0.74
C GLU A 64 12.43 -8.89 -0.61
N ALA A 65 11.48 -9.18 -1.51
CA ALA A 65 11.83 -9.77 -2.80
C ALA A 65 12.53 -8.77 -3.71
N CYS A 66 12.08 -7.51 -3.69
CA CYS A 66 12.81 -6.46 -4.41
C CYS A 66 14.21 -6.24 -3.85
N LYS A 67 14.38 -6.32 -2.53
CA LYS A 67 15.72 -6.22 -1.97
C LYS A 67 16.60 -7.39 -2.42
N LYS A 68 16.05 -8.60 -2.38
CA LYS A 68 16.83 -9.79 -2.73
C LYS A 68 17.18 -9.80 -4.20
N LEU A 69 16.38 -9.16 -5.05
CA LEU A 69 16.64 -9.15 -6.47
C LEU A 69 17.25 -7.85 -6.98
N ASN A 70 17.40 -6.83 -6.13
CA ASN A 70 18.02 -5.55 -6.49
C ASN A 70 17.31 -4.85 -7.65
N LYS A 71 15.98 -4.82 -7.59
CA LYS A 71 15.20 -4.12 -8.59
C LYS A 71 13.78 -3.88 -8.07
N ILE A 72 13.12 -2.86 -8.63
CA ILE A 72 11.83 -2.39 -8.14
C ILE A 72 10.67 -2.96 -8.93
N GLU A 73 10.91 -3.92 -9.82
CA GLU A 73 9.85 -4.59 -10.56
C GLU A 73 10.06 -6.09 -10.48
N LEU A 74 8.98 -6.85 -10.43
CA LEU A 74 9.02 -8.30 -10.29
C LEU A 74 8.20 -8.97 -11.39
N SER A 75 8.33 -8.49 -12.63
CA SER A 75 7.49 -8.94 -13.73
C SER A 75 7.64 -10.43 -14.01
N GLU A 76 8.68 -11.06 -13.50
CA GLU A 76 8.92 -12.47 -13.78
C GLU A 76 8.55 -13.36 -12.60
N CYS A 77 7.93 -12.80 -11.57
CA CYS A 77 7.55 -13.57 -10.39
C CYS A 77 6.05 -13.63 -10.20
N GLU A 78 5.62 -14.56 -9.36
CA GLU A 78 4.23 -14.68 -8.95
C GLU A 78 4.15 -14.62 -7.43
N ILE A 79 2.95 -14.30 -6.93
CA ILE A 79 2.73 -14.12 -5.50
C ILE A 79 1.57 -15.01 -5.05
N TYR A 80 1.74 -15.63 -3.88
CA TYR A 80 0.76 -16.48 -3.25
C TYR A 80 0.38 -15.82 -1.93
N ALA A 81 -0.91 -15.57 -1.75
CA ALA A 81 -1.43 -14.90 -0.56
C ALA A 81 -2.40 -15.81 0.16
N SER A 82 -2.17 -16.04 1.46
CA SER A 82 -3.10 -16.87 2.23
C SER A 82 -4.51 -16.30 2.24
N CYS A 83 -4.65 -14.98 2.18
CA CYS A 83 -5.95 -14.31 2.14
C CYS A 83 -6.01 -13.41 0.92
N GLU A 84 -7.23 -13.02 0.55
CA GLU A 84 -7.43 -12.09 -0.57
C GLU A 84 -6.80 -10.72 -0.27
N PRO A 85 -5.86 -10.25 -1.07
CA PRO A 85 -5.21 -8.96 -0.78
C PRO A 85 -6.20 -7.81 -0.65
N CYS A 86 -5.96 -6.97 0.36
CA CYS A 86 -6.73 -5.75 0.60
C CYS A 86 -6.40 -4.69 -0.46
N PRO A 87 -7.11 -3.55 -0.48
CA PRO A 87 -6.79 -2.52 -1.48
C PRO A 87 -5.35 -2.04 -1.46
N MET A 88 -4.77 -1.81 -0.29
CA MET A 88 -3.37 -1.39 -0.24
C MET A 88 -2.47 -2.43 -0.90
N CYS A 89 -2.66 -3.70 -0.55
CA CYS A 89 -1.76 -4.73 -1.05
C CYS A 89 -1.98 -4.98 -2.53
N PHE A 90 -3.22 -4.94 -3.00
CA PHE A 90 -3.45 -5.11 -4.43
C PHE A 90 -2.84 -3.96 -5.23
N GLY A 91 -2.90 -2.74 -4.70
CA GLY A 91 -2.19 -1.64 -5.33
C GLY A 91 -0.69 -1.86 -5.39
N ALA A 92 -0.13 -2.36 -4.28
CA ALA A 92 1.31 -2.65 -4.25
C ALA A 92 1.67 -3.75 -5.23
N ILE A 93 0.77 -4.72 -5.43
CA ILE A 93 1.01 -5.79 -6.38
C ILE A 93 0.99 -5.25 -7.81
N HIS A 94 0.11 -4.27 -8.06
CA HIS A 94 0.11 -3.59 -9.36
C HIS A 94 1.42 -2.84 -9.59
N LEU A 95 1.82 -1.98 -8.65
CA LEU A 95 3.07 -1.24 -8.81
C LEU A 95 4.28 -2.16 -8.91
N SER A 96 4.27 -3.29 -8.18
CA SER A 96 5.39 -4.22 -8.25
C SER A 96 5.44 -4.94 -9.59
N ARG A 97 4.33 -4.99 -10.30
CA ARG A 97 4.25 -5.60 -11.64
C ARG A 97 4.45 -7.12 -11.58
N LEU A 98 4.14 -7.75 -10.45
CA LEU A 98 4.07 -9.21 -10.38
C LEU A 98 3.11 -9.71 -11.45
N LYS A 99 3.44 -10.85 -12.04
CA LYS A 99 2.70 -11.27 -13.22
C LYS A 99 1.49 -12.13 -12.91
N ARG A 100 1.37 -12.60 -11.67
CA ARG A 100 0.28 -13.50 -11.33
C ARG A 100 0.07 -13.47 -9.81
N LEU A 101 -1.19 -13.59 -9.40
CA LEU A 101 -1.56 -13.62 -7.99
C LEU A 101 -2.47 -14.82 -7.78
N VAL A 102 -2.11 -15.66 -6.80
CA VAL A 102 -2.93 -16.79 -6.38
C VAL A 102 -3.25 -16.56 -4.91
N TYR A 103 -4.54 -16.54 -4.57
CA TYR A 103 -4.91 -16.31 -3.18
C TYR A 103 -5.88 -17.38 -2.69
N GLY A 104 -5.85 -17.64 -1.38
CA GLY A 104 -6.54 -18.77 -0.81
C GLY A 104 -7.94 -18.51 -0.29
N ALA A 105 -8.04 -17.68 0.75
CA ALA A 105 -9.31 -17.35 1.36
C ALA A 105 -9.87 -16.04 0.81
N LYS A 106 -11.19 -16.01 0.66
CA LYS A 106 -11.89 -14.77 0.36
C LYS A 106 -11.81 -13.83 1.56
N ALA A 107 -11.82 -12.53 1.27
CA ALA A 107 -11.78 -11.52 2.32
C ALA A 107 -12.88 -11.70 3.34
N GLU A 108 -14.01 -12.30 2.93
CA GLU A 108 -15.12 -12.46 3.86
C GLU A 108 -14.72 -13.31 5.05
N ALA A 109 -13.82 -14.28 4.84
CA ALA A 109 -13.35 -15.13 5.94
C ALA A 109 -12.64 -14.30 7.00
N ALA A 110 -11.84 -13.32 6.59
CA ALA A 110 -11.15 -12.47 7.55
C ALA A 110 -12.10 -11.46 8.18
N ILE A 111 -13.07 -10.97 7.40
CA ILE A 111 -14.06 -10.03 7.93
C ILE A 111 -14.89 -10.68 9.03
N ALA A 112 -15.28 -11.93 8.81
CA ALA A 112 -16.07 -12.69 9.78
C ALA A 112 -15.39 -12.85 11.13
N ILE A 113 -14.09 -12.60 11.25
CA ILE A 113 -13.39 -12.83 12.50
C ILE A 113 -12.89 -11.53 13.11
N GLY A 114 -13.40 -10.39 12.67
CA GLY A 114 -13.12 -9.12 13.31
C GLY A 114 -12.39 -8.09 12.46
N PHE A 115 -11.97 -8.41 11.24
CA PHE A 115 -11.26 -7.42 10.45
C PHE A 115 -12.24 -6.57 9.64
N ASP A 116 -11.74 -5.45 9.14
CA ASP A 116 -12.57 -4.45 8.47
C ASP A 116 -13.12 -4.96 7.15
N ASP A 117 -14.28 -4.43 6.78
CA ASP A 117 -14.79 -4.61 5.42
C ASP A 117 -14.00 -3.70 4.49
N PHE A 118 -12.89 -4.22 3.93
CA PHE A 118 -11.87 -3.45 3.22
C PHE A 118 -11.46 -4.32 2.04
N ILE A 119 -12.21 -4.21 0.93
CA ILE A 119 -12.12 -5.12 -0.20
C ILE A 119 -11.68 -4.35 -1.45
N ALA A 120 -10.85 -4.99 -2.27
CA ALA A 120 -10.28 -4.37 -3.46
C ALA A 120 -11.21 -4.56 -4.65
N ASP A 121 -11.77 -3.46 -5.16
CA ASP A 121 -12.60 -3.53 -6.35
C ASP A 121 -11.82 -4.08 -7.54
N ALA A 122 -10.60 -3.57 -7.77
CA ALA A 122 -9.85 -3.95 -8.96
C ALA A 122 -9.58 -5.44 -9.01
N LEU A 123 -9.52 -6.10 -7.84
CA LEU A 123 -9.33 -7.54 -7.81
C LEU A 123 -10.63 -8.27 -8.14
N ARG A 124 -11.76 -7.82 -7.58
CA ARG A 124 -13.05 -8.44 -7.85
C ARG A 124 -13.60 -8.10 -9.23
N GLY A 125 -13.01 -7.14 -9.94
CA GLY A 125 -13.48 -6.76 -11.26
C GLY A 125 -14.54 -5.68 -11.27
N THR A 126 -14.72 -4.94 -10.17
CA THR A 126 -15.68 -3.84 -10.13
C THR A 126 -15.01 -2.47 -10.06
N GLY A 127 -13.73 -2.38 -10.46
CA GLY A 127 -13.06 -1.10 -10.51
C GLY A 127 -13.47 -0.28 -11.72
N VAL A 128 -13.48 1.04 -11.53
CA VAL A 128 -13.75 2.00 -12.60
C VAL A 128 -12.46 2.71 -13.01
N TYR A 129 -11.81 3.37 -12.06
CA TYR A 129 -10.55 4.05 -12.31
C TYR A 129 -9.33 3.15 -12.17
N GLN A 130 -9.47 1.99 -11.53
CA GLN A 130 -8.36 1.07 -11.27
C GLN A 130 -8.67 -0.22 -11.99
N LYS A 131 -7.92 -0.51 -13.03
CA LYS A 131 -8.09 -1.74 -13.78
C LYS A 131 -6.85 -2.60 -13.60
N SER A 132 -7.06 -3.83 -13.14
CA SER A 132 -6.01 -4.82 -13.04
C SER A 132 -5.70 -5.38 -14.42
N SER A 133 -4.46 -5.88 -14.57
CA SER A 133 -4.14 -6.68 -15.74
C SER A 133 -3.56 -8.04 -15.38
N LEU A 134 -2.98 -8.20 -14.20
CA LEU A 134 -2.35 -9.46 -13.82
C LEU A 134 -3.37 -10.59 -13.76
N GLU A 135 -2.86 -11.80 -13.95
CA GLU A 135 -3.65 -13.02 -13.85
C GLU A 135 -3.95 -13.30 -12.38
N ILE A 136 -5.21 -13.63 -12.08
CA ILE A 136 -5.66 -13.82 -10.70
C ILE A 136 -6.34 -15.17 -10.58
N LYS A 137 -5.95 -15.95 -9.58
CA LYS A 137 -6.54 -17.27 -9.34
C LYS A 137 -6.97 -17.40 -7.89
N LYS A 138 -8.26 -17.59 -7.69
CA LYS A 138 -8.82 -17.90 -6.37
C LYS A 138 -8.74 -19.40 -6.18
N ALA A 139 -8.08 -19.84 -5.12
CA ALA A 139 -7.91 -21.26 -4.90
C ALA A 139 -9.25 -21.92 -4.61
N ASP A 140 -9.34 -23.19 -4.97
CA ASP A 140 -10.48 -24.05 -4.66
C ASP A 140 -10.00 -25.30 -3.95
N GLY A 141 -10.94 -26.19 -3.65
CA GLY A 141 -10.63 -27.47 -3.06
C GLY A 141 -9.89 -27.37 -1.73
N ASN A 142 -8.82 -28.16 -1.63
CA ASN A 142 -8.09 -28.24 -0.37
C ASN A 142 -7.42 -26.92 -0.03
N GLY A 143 -6.81 -26.27 -1.03
CA GLY A 143 -6.20 -24.98 -0.78
C GLY A 143 -7.16 -24.01 -0.15
N ALA A 144 -8.37 -23.92 -0.71
CA ALA A 144 -9.39 -23.02 -0.17
C ALA A 144 -9.77 -23.43 1.25
N ALA A 145 -9.94 -24.74 1.51
CA ALA A 145 -10.33 -25.16 2.86
C ALA A 145 -9.24 -24.86 3.88
N ILE A 146 -7.98 -25.08 3.51
CA ILE A 146 -6.84 -24.75 4.38
C ILE A 146 -6.85 -23.26 4.72
N ALA A 147 -6.90 -22.43 3.66
CA ALA A 147 -6.85 -20.99 3.82
C ALA A 147 -8.03 -20.49 4.64
N GLU A 148 -9.23 -21.00 4.35
CA GLU A 148 -10.39 -20.59 5.11
C GLU A 148 -10.29 -21.01 6.57
N GLN A 149 -9.70 -22.18 6.83
CA GLN A 149 -9.59 -22.69 8.18
C GLN A 149 -8.65 -21.86 9.04
N VAL A 150 -7.68 -21.18 8.42
CA VAL A 150 -6.77 -20.31 9.19
C VAL A 150 -7.53 -19.41 10.17
N PHE A 151 -8.65 -18.84 9.73
CA PHE A 151 -9.31 -17.83 10.56
C PHE A 151 -10.12 -18.45 11.69
N GLN A 152 -10.64 -19.67 11.50
CA GLN A 152 -11.23 -20.40 12.61
C GLN A 152 -10.16 -20.83 13.60
N ASN A 153 -9.06 -21.39 13.11
CA ASN A 153 -8.04 -21.95 13.99
C ASN A 153 -7.31 -20.89 14.81
N THR A 154 -7.15 -19.68 14.29
CA THR A 154 -6.43 -18.63 15.00
C THR A 154 -7.36 -17.60 15.63
N LYS A 155 -8.61 -17.99 15.93
CA LYS A 155 -9.68 -17.02 16.13
C LYS A 155 -9.37 -16.05 17.27
N GLU A 156 -8.85 -16.54 18.39
CA GLU A 156 -8.59 -15.67 19.54
C GLU A 156 -7.16 -15.82 20.03
N LYS A 157 -6.20 -15.79 19.10
CA LYS A 157 -4.79 -15.99 19.44
C LYS A 157 -3.91 -14.77 19.14
N PHE A 158 -4.50 -13.66 18.68
CA PHE A 158 -3.75 -12.50 18.24
C PHE A 158 -4.53 -11.21 18.53
N ARG A 159 -3.81 -10.10 18.62
CA ARG A 159 -4.39 -8.78 18.81
C ARG A 159 -4.84 -8.20 17.47
N LEU A 160 -6.10 -7.77 17.39
CA LEU A 160 -6.60 -7.18 16.16
C LEU A 160 -5.91 -5.83 15.89
N TYR A 161 -5.98 -5.41 14.62
CA TYR A 161 -5.35 -4.16 14.19
C TYR A 161 -6.02 -3.68 12.91
N SER B 5 -3.35 27.27 7.81
CA SER B 5 -2.25 26.32 8.01
C SER B 5 -2.26 25.15 7.01
N ASP B 6 -3.41 24.86 6.40
CA ASP B 6 -3.45 23.89 5.31
C ASP B 6 -2.44 24.25 4.23
N HIS B 7 -2.39 25.54 3.89
CA HIS B 7 -1.45 26.01 2.87
C HIS B 7 0.00 25.73 3.27
N LYS B 8 0.33 25.93 4.55
CA LYS B 8 1.71 25.78 4.99
C LYS B 8 2.18 24.34 4.83
N PHE B 9 1.40 23.39 5.32
CA PHE B 9 1.79 21.99 5.27
C PHE B 9 1.76 21.45 3.85
N LEU B 10 0.79 21.91 3.03
CA LEU B 10 0.76 21.52 1.63
C LEU B 10 1.99 22.00 0.85
N THR B 11 2.39 23.24 1.05
CA THR B 11 3.60 23.72 0.39
C THR B 11 4.85 23.03 0.94
N GLN B 12 4.82 22.59 2.20
CA GLN B 12 5.95 21.79 2.67
C GLN B 12 6.02 20.45 1.94
N ALA B 13 4.87 19.85 1.66
CA ALA B 13 4.83 18.62 0.88
C ALA B 13 5.33 18.86 -0.55
N VAL B 14 4.96 20.01 -1.13
CA VAL B 14 5.44 20.33 -2.48
C VAL B 14 6.97 20.47 -2.47
N GLU B 15 7.51 21.16 -1.48
CA GLU B 15 8.96 21.27 -1.39
C GLU B 15 9.61 19.90 -1.19
N GLU B 16 8.97 19.01 -0.43
CA GLU B 16 9.53 17.65 -0.31
C GLU B 16 9.58 16.96 -1.67
N ALA B 17 8.53 17.10 -2.48
CA ALA B 17 8.54 16.53 -3.82
C ALA B 17 9.77 16.99 -4.62
N TYR B 18 10.00 18.32 -4.61
CA TYR B 18 11.15 18.86 -5.33
C TYR B 18 12.46 18.35 -4.75
N LYS B 19 12.57 18.32 -3.42
CA LYS B 19 13.80 17.87 -2.78
C LYS B 19 14.13 16.45 -3.18
N GLY B 20 13.16 15.55 -3.10
CA GLY B 20 13.40 14.15 -3.45
C GLY B 20 13.79 13.98 -4.90
N VAL B 21 13.08 14.66 -5.82
CA VAL B 21 13.49 14.54 -7.22
C VAL B 21 14.91 15.05 -7.42
N ASP B 22 15.33 16.06 -6.64
CA ASP B 22 16.68 16.58 -6.82
C ASP B 22 17.74 15.65 -6.25
N CYS B 23 17.52 15.10 -5.05
CA CYS B 23 18.39 14.05 -4.51
C CYS B 23 18.35 12.75 -5.29
N GLY B 24 17.39 12.57 -6.21
CA GLY B 24 17.29 11.29 -6.91
C GLY B 24 16.62 10.19 -6.12
N ASP B 25 16.00 10.52 -4.99
CA ASP B 25 15.39 9.52 -4.12
C ASP B 25 14.21 8.82 -4.78
N GLY B 26 13.50 9.52 -5.66
CA GLY B 26 12.37 8.94 -6.35
C GLY B 26 11.65 10.01 -7.13
N GLY B 27 10.39 9.73 -7.47
CA GLY B 27 9.59 10.66 -8.24
C GLY B 27 9.20 11.89 -7.45
N PRO B 28 8.61 12.87 -8.13
CA PRO B 28 8.24 14.18 -7.52
C PRO B 28 6.97 14.09 -6.69
N PHE B 29 7.05 13.49 -5.52
CA PHE B 29 5.89 13.40 -4.65
C PHE B 29 6.34 13.62 -3.22
N GLY B 30 5.51 14.31 -2.44
CA GLY B 30 5.83 14.56 -1.05
C GLY B 30 4.61 14.38 -0.18
N ALA B 31 4.85 14.18 1.11
CA ALA B 31 3.76 14.00 2.05
C ALA B 31 4.22 14.41 3.44
N VAL B 32 3.36 15.12 4.16
CA VAL B 32 3.65 15.61 5.49
C VAL B 32 2.54 15.13 6.42
N ILE B 33 2.93 14.54 7.55
CA ILE B 33 1.97 14.10 8.56
C ILE B 33 2.13 15.00 9.78
N VAL B 34 0.99 15.43 10.34
CA VAL B 34 0.95 16.52 11.31
C VAL B 34 0.03 16.10 12.46
N HIS B 35 0.39 16.52 13.68
CA HIS B 35 -0.39 16.26 14.89
C HIS B 35 -0.62 17.61 15.58
N ASN B 36 -1.85 18.12 15.47
CA ASN B 36 -2.25 19.40 16.06
C ASN B 36 -1.19 20.47 15.80
N ASN B 37 -0.91 20.66 14.50
CA ASN B 37 -0.01 21.68 13.96
C ASN B 37 1.45 21.41 14.25
N GLU B 38 1.79 20.24 14.79
CA GLU B 38 3.18 19.82 14.93
C GLU B 38 3.51 18.78 13.86
N VAL B 39 4.58 19.01 13.10
CA VAL B 39 4.92 18.07 12.03
C VAL B 39 5.53 16.82 12.64
N VAL B 40 4.90 15.67 12.38
CA VAL B 40 5.40 14.38 12.82
C VAL B 40 6.35 13.77 11.81
N ALA B 41 6.02 13.82 10.52
CA ALA B 41 6.90 13.31 9.48
C ALA B 41 6.76 14.15 8.22
N SER B 42 7.89 14.34 7.55
CA SER B 42 8.00 15.11 6.31
C SER B 42 8.88 14.30 5.37
N CYS B 43 8.28 13.70 4.35
CA CYS B 43 8.97 12.74 3.50
C CYS B 43 8.57 12.95 2.05
N HIS B 44 9.35 12.33 1.17
CA HIS B 44 9.06 12.28 -0.26
C HIS B 44 9.27 10.85 -0.74
N ASN B 45 8.91 10.60 -2.00
CA ASN B 45 9.04 9.27 -2.59
C ASN B 45 10.48 8.78 -2.48
N MET B 46 10.65 7.52 -2.05
CA MET B 46 11.98 6.92 -1.86
C MET B 46 12.15 5.64 -2.66
N VAL B 47 11.34 5.44 -3.71
CA VAL B 47 11.35 4.16 -4.42
C VAL B 47 12.73 3.85 -4.96
N LEU B 48 13.42 4.85 -5.51
CA LEU B 48 14.74 4.58 -6.08
C LEU B 48 15.79 4.41 -5.00
N LYS B 49 15.77 5.28 -3.99
CA LYS B 49 16.75 5.21 -2.90
C LYS B 49 16.66 3.89 -2.12
N TYR B 50 15.45 3.38 -1.89
CA TYR B 50 15.27 2.18 -1.08
C TYR B 50 15.15 0.90 -1.90
N THR B 51 15.09 0.99 -3.22
CA THR B 51 14.77 -0.13 -4.10
C THR B 51 13.49 -0.81 -3.62
N ASP B 52 12.45 -0.02 -3.48
CA ASP B 52 11.20 -0.46 -2.89
C ASP B 52 10.03 0.21 -3.62
N PRO B 53 9.26 -0.55 -4.40
CA PRO B 53 8.15 0.06 -5.15
C PRO B 53 7.00 0.48 -4.25
N THR B 54 7.01 0.13 -2.97
CA THR B 54 5.96 0.57 -2.06
C THR B 54 6.33 1.87 -1.34
N ALA B 55 7.55 2.38 -1.54
CA ALA B 55 8.05 3.50 -0.76
C ALA B 55 7.59 4.82 -1.33
N HIS B 56 6.31 4.92 -1.68
CA HIS B 56 5.76 6.20 -2.08
C HIS B 56 5.87 7.20 -0.93
N ALA B 57 5.66 8.47 -1.25
CA ALA B 57 5.73 9.53 -0.23
C ALA B 57 4.83 9.22 0.96
N GLU B 58 3.54 8.91 0.70
CA GLU B 58 2.57 8.74 1.78
C GLU B 58 2.92 7.54 2.65
N VAL B 59 3.23 6.40 2.03
CA VAL B 59 3.59 5.22 2.79
C VAL B 59 4.84 5.48 3.63
N THR B 60 5.86 6.10 3.04
CA THR B 60 7.08 6.42 3.78
C THR B 60 6.78 7.32 4.98
N ALA B 61 5.91 8.32 4.78
CA ALA B 61 5.53 9.20 5.87
C ALA B 61 4.74 8.46 6.95
N ILE B 62 3.90 7.50 6.55
CA ILE B 62 3.13 6.73 7.52
C ILE B 62 4.06 5.87 8.36
N ARG B 63 5.01 5.20 7.71
CA ARG B 63 6.02 4.43 8.42
C ARG B 63 6.74 5.31 9.45
N GLU B 64 7.20 6.48 9.02
CA GLU B 64 7.97 7.33 9.94
C GLU B 64 7.12 7.87 11.08
N ALA B 65 5.90 8.33 10.78
CA ALA B 65 5.05 8.88 11.84
C ALA B 65 4.70 7.82 12.86
N CYS B 66 4.42 6.60 12.40
CA CYS B 66 4.09 5.54 13.35
C CYS B 66 5.28 5.18 14.22
N LYS B 67 6.46 5.03 13.61
CA LYS B 67 7.64 4.76 14.41
C LYS B 67 7.86 5.86 15.44
N LYS B 68 7.66 7.12 15.05
CA LYS B 68 7.89 8.23 15.99
C LYS B 68 6.89 8.22 17.14
N LEU B 69 5.61 7.99 16.84
CA LEU B 69 4.60 8.08 17.88
C LEU B 69 4.39 6.77 18.63
N ASN B 70 5.14 5.71 18.28
CA ASN B 70 5.05 4.43 18.97
C ASN B 70 3.64 3.84 18.92
N LYS B 71 2.92 4.07 17.82
CA LYS B 71 1.62 3.43 17.63
C LYS B 71 1.37 3.20 16.16
N ILE B 72 0.46 2.26 15.87
CA ILE B 72 0.10 1.91 14.51
C ILE B 72 -1.11 2.66 14.01
N GLU B 73 -1.69 3.56 14.79
CA GLU B 73 -2.84 4.34 14.35
C GLU B 73 -2.52 5.82 14.49
N LEU B 74 -2.83 6.59 13.46
CA LEU B 74 -2.62 8.02 13.49
C LEU B 74 -3.97 8.72 13.48
N SER B 75 -4.89 8.33 14.38
CA SER B 75 -6.27 8.81 14.34
C SER B 75 -6.39 10.29 14.72
N GLU B 76 -5.37 10.86 15.34
CA GLU B 76 -5.34 12.28 15.69
C GLU B 76 -4.48 13.08 14.74
N CYS B 77 -4.00 12.46 13.67
CA CYS B 77 -3.09 13.10 12.74
C CYS B 77 -3.81 13.35 11.43
N GLU B 78 -3.21 14.23 10.62
CA GLU B 78 -3.65 14.56 9.28
C GLU B 78 -2.47 14.42 8.33
N ILE B 79 -2.76 14.11 7.06
CA ILE B 79 -1.73 13.94 6.05
C ILE B 79 -1.96 14.91 4.89
N TYR B 80 -0.88 15.54 4.44
CA TYR B 80 -0.87 16.43 3.29
C TYR B 80 -0.07 15.77 2.19
N ALA B 81 -0.73 15.49 1.06
CA ALA B 81 -0.08 14.86 -0.08
C ALA B 81 0.06 15.86 -1.23
N SER B 82 1.29 16.03 -1.74
CA SER B 82 1.48 16.95 -2.84
C SER B 82 0.64 16.53 -4.05
N CYS B 83 0.43 15.24 -4.24
CA CYS B 83 -0.37 14.72 -5.34
C CYS B 83 -1.41 13.76 -4.81
N GLU B 84 -2.52 13.65 -5.53
CA GLU B 84 -3.60 12.76 -5.15
C GLU B 84 -3.08 11.35 -4.92
N PRO B 85 -3.37 10.72 -3.78
CA PRO B 85 -2.78 9.41 -3.49
C PRO B 85 -3.30 8.32 -4.40
N CYS B 86 -2.41 7.42 -4.78
CA CYS B 86 -2.74 6.29 -5.64
C CYS B 86 -3.47 5.21 -4.82
N PRO B 87 -3.99 4.17 -5.48
CA PRO B 87 -4.74 3.13 -4.72
C PRO B 87 -3.99 2.51 -3.55
N MET B 88 -2.72 2.18 -3.73
CA MET B 88 -1.94 1.67 -2.60
C MET B 88 -1.91 2.68 -1.46
N CYS B 89 -1.61 3.94 -1.77
CA CYS B 89 -1.43 4.94 -0.73
C CYS B 89 -2.74 5.31 -0.07
N PHE B 90 -3.84 5.29 -0.82
CA PHE B 90 -5.14 5.48 -0.19
C PHE B 90 -5.50 4.30 0.72
N GLY B 91 -5.19 3.07 0.28
CA GLY B 91 -5.34 1.93 1.16
C GLY B 91 -4.52 2.06 2.44
N ALA B 92 -3.28 2.55 2.31
CA ALA B 92 -2.43 2.75 3.47
C ALA B 92 -2.99 3.81 4.39
N ILE B 93 -3.48 4.91 3.82
CA ILE B 93 -4.03 6.00 4.62
C ILE B 93 -5.24 5.50 5.41
N HIS B 94 -6.08 4.67 4.78
CA HIS B 94 -7.21 4.08 5.51
C HIS B 94 -6.74 3.17 6.64
N LEU B 95 -5.79 2.26 6.34
CA LEU B 95 -5.29 1.34 7.36
C LEU B 95 -4.64 2.08 8.53
N SER B 96 -4.06 3.26 8.28
CA SER B 96 -3.37 4.02 9.31
C SER B 96 -4.31 4.76 10.25
N ARG B 97 -5.59 4.86 9.87
CA ARG B 97 -6.62 5.54 10.66
C ARG B 97 -6.40 7.05 10.68
N LEU B 98 -5.73 7.59 9.66
CA LEU B 98 -5.52 9.04 9.62
C LEU B 98 -6.87 9.74 9.57
N LYS B 99 -6.94 10.89 10.25
CA LYS B 99 -8.21 11.57 10.46
C LYS B 99 -8.65 12.34 9.22
N ARG B 100 -7.71 12.87 8.45
CA ARG B 100 -7.99 13.82 7.39
C ARG B 100 -6.89 13.72 6.34
N LEU B 101 -7.27 13.90 5.07
CA LEU B 101 -6.36 13.94 3.94
C LEU B 101 -6.52 15.24 3.19
N VAL B 102 -5.43 15.95 2.95
CA VAL B 102 -5.45 17.12 2.09
C VAL B 102 -4.42 16.88 1.00
N TYR B 103 -4.85 16.93 -0.27
CA TYR B 103 -3.93 16.74 -1.39
C TYR B 103 -3.96 17.92 -2.36
N GLY B 104 -2.84 18.13 -3.05
CA GLY B 104 -2.70 19.28 -3.93
C GLY B 104 -3.13 19.08 -5.38
N ALA B 105 -2.35 18.32 -6.14
CA ALA B 105 -2.59 18.11 -7.55
C ALA B 105 -3.50 16.91 -7.79
N LYS B 106 -4.31 16.98 -8.84
CA LYS B 106 -5.08 15.83 -9.29
C LYS B 106 -4.15 14.82 -9.95
N ALA B 107 -4.58 13.55 -9.96
CA ALA B 107 -3.73 12.47 -10.49
C ALA B 107 -3.41 12.67 -11.96
N GLU B 108 -4.32 13.31 -12.70
CA GLU B 108 -4.07 13.56 -14.11
C GLU B 108 -2.81 14.36 -14.33
N ALA B 109 -2.47 15.24 -13.38
CA ALA B 109 -1.26 16.05 -13.53
C ALA B 109 -0.02 15.16 -13.59
N ALA B 110 0.00 14.07 -12.81
CA ALA B 110 1.11 13.14 -12.89
C ALA B 110 1.02 12.27 -14.13
N ILE B 111 -0.20 11.87 -14.51
CA ILE B 111 -0.34 10.98 -15.67
C ILE B 111 0.07 11.71 -16.94
N ALA B 112 -0.11 13.03 -16.98
CA ALA B 112 0.23 13.80 -18.18
C ALA B 112 1.71 13.70 -18.53
N ILE B 113 2.58 13.48 -17.55
CA ILE B 113 4.02 13.38 -17.80
C ILE B 113 4.48 11.91 -17.83
N GLY B 114 3.55 10.97 -17.99
CA GLY B 114 3.91 9.59 -18.22
C GLY B 114 3.66 8.64 -17.08
N PHE B 115 3.14 9.09 -15.95
CA PHE B 115 2.92 8.19 -14.84
C PHE B 115 1.71 7.31 -15.09
N ASP B 116 1.79 6.11 -14.52
CA ASP B 116 0.77 5.08 -14.64
C ASP B 116 -0.65 5.64 -14.51
N ASP B 117 -1.53 5.19 -15.39
CA ASP B 117 -2.96 5.45 -15.24
C ASP B 117 -3.54 4.63 -14.09
N PHE B 118 -3.53 5.18 -12.87
CA PHE B 118 -3.61 4.38 -11.65
C PHE B 118 -4.24 5.27 -10.57
N ILE B 119 -5.58 5.23 -10.50
CA ILE B 119 -6.36 6.17 -9.70
C ILE B 119 -7.22 5.39 -8.71
N ALA B 120 -7.40 5.94 -7.51
CA ALA B 120 -8.04 5.22 -6.40
C ALA B 120 -9.55 5.43 -6.45
N ASP B 121 -10.28 4.37 -6.81
CA ASP B 121 -11.74 4.41 -6.85
C ASP B 121 -12.33 4.87 -5.52
N ALA B 122 -11.78 4.43 -4.39
CA ALA B 122 -12.37 4.84 -3.12
C ALA B 122 -12.17 6.33 -2.86
N LEU B 123 -11.13 6.92 -3.44
CA LEU B 123 -10.92 8.36 -3.26
C LEU B 123 -11.92 9.17 -4.06
N ARG B 124 -12.28 8.70 -5.25
CA ARG B 124 -13.19 9.44 -6.12
C ARG B 124 -14.64 8.99 -5.98
N GLY B 125 -14.93 8.07 -5.06
CA GLY B 125 -16.28 7.60 -4.83
C GLY B 125 -16.86 6.73 -5.91
N THR B 126 -16.04 5.91 -6.56
CA THR B 126 -16.48 5.18 -7.74
C THR B 126 -16.43 3.67 -7.54
N GLY B 127 -16.34 3.20 -6.30
CA GLY B 127 -16.23 1.78 -6.03
C GLY B 127 -17.57 1.10 -5.78
N VAL B 128 -17.55 -0.22 -5.91
CA VAL B 128 -18.66 -1.04 -5.44
C VAL B 128 -18.37 -1.56 -4.04
N TYR B 129 -17.15 -2.06 -3.82
CA TYR B 129 -16.77 -2.71 -2.58
C TYR B 129 -16.08 -1.79 -1.58
N GLN B 130 -15.16 -0.94 -2.03
CA GLN B 130 -14.37 -0.11 -1.14
C GLN B 130 -15.02 1.26 -1.00
N LYS B 131 -15.45 1.59 0.20
CA LYS B 131 -15.97 2.91 0.50
C LYS B 131 -14.94 3.64 1.33
N SER B 132 -14.92 4.97 1.25
CA SER B 132 -14.00 5.74 2.06
C SER B 132 -14.73 6.42 3.20
N SER B 133 -14.01 6.65 4.28
CA SER B 133 -14.58 7.26 5.46
C SER B 133 -14.01 8.63 5.78
N LEU B 134 -12.72 8.84 5.55
CA LEU B 134 -12.04 9.97 6.14
C LEU B 134 -12.37 11.26 5.39
N GLU B 135 -12.13 12.37 6.08
CA GLU B 135 -12.26 13.69 5.49
C GLU B 135 -11.21 13.86 4.40
N ILE B 136 -11.65 14.28 3.21
CA ILE B 136 -10.77 14.49 2.07
C ILE B 136 -11.01 15.89 1.51
N LYS B 137 -9.91 16.61 1.28
CA LYS B 137 -9.94 17.98 0.77
C LYS B 137 -8.99 18.09 -0.41
N LYS B 138 -9.54 18.40 -1.58
CA LYS B 138 -8.71 18.80 -2.71
C LYS B 138 -8.43 20.28 -2.59
N ALA B 139 -7.15 20.63 -2.48
CA ALA B 139 -6.81 22.04 -2.32
C ALA B 139 -7.17 22.81 -3.58
N ASP B 140 -7.46 24.10 -3.41
CA ASP B 140 -7.71 24.97 -4.54
C ASP B 140 -6.98 26.29 -4.32
N GLY B 141 -7.00 27.12 -5.35
CA GLY B 141 -6.33 28.40 -5.27
C GLY B 141 -4.85 28.30 -5.58
N ASN B 142 -4.04 29.06 -4.84
CA ASN B 142 -2.62 29.13 -5.12
C ASN B 142 -1.91 27.83 -4.75
N GLY B 143 -2.35 27.19 -3.67
CA GLY B 143 -1.80 25.90 -3.33
C GLY B 143 -1.94 24.90 -4.45
N ALA B 144 -3.17 24.77 -4.99
CA ALA B 144 -3.41 23.82 -6.05
C ALA B 144 -2.59 24.15 -7.29
N ALA B 145 -2.42 25.44 -7.57
CA ALA B 145 -1.63 25.84 -8.74
C ALA B 145 -0.18 25.39 -8.60
N ILE B 146 0.46 25.76 -7.47
CA ILE B 146 1.84 25.37 -7.25
C ILE B 146 1.97 23.86 -7.27
N ALA B 147 1.00 23.14 -6.71
CA ALA B 147 1.09 21.69 -6.66
C ALA B 147 0.98 21.08 -8.06
N GLU B 148 0.04 21.57 -8.87
CA GLU B 148 -0.09 21.03 -10.23
C GLU B 148 1.15 21.33 -11.06
N GLN B 149 1.83 22.45 -10.79
CA GLN B 149 2.97 22.83 -11.60
C GLN B 149 4.18 21.92 -11.40
N VAL B 150 4.16 21.08 -10.36
CA VAL B 150 5.34 20.30 -10.01
C VAL B 150 5.75 19.39 -11.14
N PHE B 151 4.79 18.84 -11.88
CA PHE B 151 5.14 17.80 -12.85
C PHE B 151 5.71 18.39 -14.13
N GLN B 152 5.12 19.48 -14.63
CA GLN B 152 5.72 20.20 -15.76
C GLN B 152 7.10 20.73 -15.40
N ASN B 153 7.28 21.24 -14.17
CA ASN B 153 8.62 21.74 -13.81
C ASN B 153 9.61 20.60 -13.65
N THR B 154 9.12 19.43 -13.24
CA THR B 154 9.98 18.32 -12.84
C THR B 154 10.48 17.53 -14.04
N LYS B 155 9.60 17.25 -15.01
CA LYS B 155 9.88 16.46 -16.21
C LYS B 155 11.35 16.13 -16.45
N GLU B 156 12.20 17.17 -16.47
CA GLU B 156 13.59 17.03 -16.91
C GLU B 156 14.45 16.18 -15.97
N LYS B 157 14.16 16.20 -14.67
CA LYS B 157 15.15 15.85 -13.66
C LYS B 157 15.19 14.38 -13.26
N PHE B 158 14.17 13.58 -13.59
CA PHE B 158 14.14 12.18 -13.21
C PHE B 158 13.62 11.34 -14.37
N ARG B 159 13.99 10.06 -14.36
CA ARG B 159 13.52 9.11 -15.35
C ARG B 159 12.39 8.29 -14.73
N LEU B 160 11.26 8.20 -15.44
CA LEU B 160 10.09 7.53 -14.89
C LEU B 160 10.36 6.04 -14.71
N TYR B 161 10.04 5.54 -13.53
CA TYR B 161 10.52 4.24 -13.08
C TYR B 161 9.40 3.20 -12.99
ZN ZN C . -3.01 -5.71 2.70
C01 H93 D . -1.54 -9.39 4.79
C03 H93 D . -2.63 -8.22 6.59
C05 H93 D . -3.94 -7.64 7.16
C06 H93 D . -5.15 -7.70 6.48
C08 H93 D . -4.01 -8.92 4.56
C11 H93 D . -5.55 -6.65 8.37
C13 H93 D . -7.44 -7.04 6.85
C14 H93 D . -7.81 -5.64 6.04
C15 H93 D . -9.00 -5.91 5.73
C16 H93 D . -8.93 -7.45 5.26
C18 H93 D . -8.59 -7.49 3.94
N02 H93 D . -2.75 -8.83 5.31
N07 H93 D . -5.21 -8.36 5.14
N09 H93 D . -4.03 -9.60 3.27
N10 H93 D . -6.09 -7.11 7.22
N12 H93 D . -4.23 -6.99 8.31
O04 H93 D . -1.56 -8.15 7.18
O17 H93 D . -7.78 -8.03 6.09
O19 H93 D . -8.89 -8.75 3.41
O20 H93 D . -9.90 -5.77 6.93
O21 H93 D . -7.75 -4.57 7.03
ZN ZN E . 1.07 5.94 -3.90
C01 H93 F . 3.57 9.33 -3.53
C03 H93 F . 4.37 8.20 -5.46
C05 H93 F . 4.21 7.66 -6.89
C06 H93 F . 3.01 7.88 -7.53
C08 H93 F . 2.03 9.11 -5.51
C11 H93 F . 4.33 6.78 -8.88
C13 H93 F . 2.08 7.39 -9.71
C14 H93 F . 1.05 6.10 -9.70
C15 H93 F . 0.14 6.55 -10.44
C16 H93 F . -0.08 8.06 -9.95
C18 H93 F . -0.88 8.12 -8.83
N02 H93 F . 3.29 8.88 -4.85
N07 H93 F . 1.87 8.61 -6.88
N09 H93 F . 0.93 9.83 -4.88
N10 H93 F . 3.10 7.34 -8.74
N12 H93 F . 5.02 6.98 -7.72
O04 H93 F . 5.38 8.05 -4.83
O17 H93 F . 1.35 8.46 -9.55
O19 H93 F . -1.41 9.41 -8.67
O20 H93 F . 0.66 6.62 -11.83
O21 H93 F . 1.76 5.03 -10.39
#